data_8ZEI
#
_entry.id   8ZEI
#
_cell.length_a   79.477
_cell.length_b   115.308
_cell.length_c   124.100
_cell.angle_alpha   90.000
_cell.angle_beta   90.000
_cell.angle_gamma   90.000
#
_symmetry.space_group_name_H-M   'I 2 2 2'
#
loop_
_entity.id
_entity.type
_entity.pdbx_description
1 polymer 'Xaa-Arg dipeptidase'
2 non-polymer 'ZINC ION'
3 non-polymer HISTIDINE
4 non-polymer 2-AMINO-2-HYDROXYMETHYL-PROPANE-1,3-DIOL
5 non-polymer 'ACETIC ACID'
6 non-polymer 'SODIUM ION'
7 water water
#
_entity_poly.entity_id   1
_entity_poly.type   'polypeptide(L)'
_entity_poly.pdbx_seq_one_letter_code
;MASWSHPQFEGGSSHHHHHHSSGSGGGGGENLYFQGSLELLKLRSAECIDEAAERLGALSRAIWSQPELAYEEHHAHRVL
THFFEREPPAASWAVQPHYQLPTAFRAEWEPPEARAPSATPRPLHLGFLCEYDALPGIGHACGHNLIAEVGAAAALGVRG
ALEGLPRPPPPVKVVVLGTPAEEDGGGKIDLIEAGAFTNLDVVFMAHPSQENAAYLPDMAEHDVTVKYYGKASHSASYPW
EGLNALDAAVLAYNNLSVFRQQMKPTWRVHGIIKNGGVKPNIIPSYSELIYYFRAPSMKELQVLTKKAEDCFRAAALASG
CTVEIKGGAHDYYNVLPNKSLWKAYMENGRKLGIEFISEDTMLNGPSGSTDFGNVSFVVPGIHPYFHIGSNALNHTEQYT
EAAGSQEAQFYTLRTAKALAMTALDVIFKPELLEGIREDFKLKLQEEQFVNAVE
;
_entity_poly.pdbx_strand_id   A
#
# COMPACT_ATOMS: atom_id res chain seq x y z
N LEU A 32 32.34 12.91 1.44
CA LEU A 32 33.48 12.02 1.65
C LEU A 32 33.73 11.80 3.13
N TYR A 33 35.01 11.79 3.52
CA TYR A 33 35.43 11.64 4.91
C TYR A 33 35.18 12.89 5.73
N PHE A 34 34.70 13.97 5.11
CA PHE A 34 34.65 15.27 5.78
C PHE A 34 33.75 15.21 7.00
N GLN A 35 34.05 16.10 7.96
CA GLN A 35 33.38 16.12 9.25
C GLN A 35 31.87 16.32 9.11
N GLY A 36 31.10 15.26 9.30
CA GLY A 36 29.66 15.37 9.22
C GLY A 36 29.09 15.43 7.82
N SER A 37 29.73 14.76 6.86
CA SER A 37 29.21 14.76 5.50
C SER A 37 27.91 13.99 5.43
N LEU A 38 27.18 14.19 4.32
CA LEU A 38 25.99 13.39 4.09
C LEU A 38 26.33 11.91 3.95
N GLU A 39 27.53 11.60 3.45
CA GLU A 39 27.94 10.21 3.33
C GLU A 39 28.10 9.56 4.70
N LEU A 40 28.60 10.32 5.68
CA LEU A 40 28.75 9.79 7.03
C LEU A 40 27.41 9.60 7.73
N LEU A 41 26.44 10.49 7.46
CA LEU A 41 25.12 10.33 8.05
C LEU A 41 24.42 9.09 7.51
N LYS A 42 24.55 8.84 6.20
CA LYS A 42 23.97 7.63 5.61
C LYS A 42 24.59 6.38 6.20
N LEU A 43 25.88 6.43 6.52
CA LEU A 43 26.54 5.30 7.18
C LEU A 43 25.94 5.06 8.56
N ARG A 44 25.77 6.13 9.35
CA ARG A 44 25.21 5.98 10.68
C ARG A 44 23.81 5.40 10.64
N SER A 45 23.01 5.80 9.65
CA SER A 45 21.66 5.24 9.51
C SER A 45 21.73 3.74 9.23
N ALA A 46 22.72 3.32 8.44
CA ALA A 46 22.88 1.90 8.16
C ALA A 46 23.37 1.15 9.40
N GLU A 47 24.28 1.76 10.17
CA GLU A 47 24.77 1.12 11.39
C GLU A 47 23.68 1.06 12.45
N CYS A 48 22.83 2.10 12.53
N CYS A 48 22.84 2.11 12.52
CA CYS A 48 21.74 2.09 13.48
CA CYS A 48 21.73 2.11 13.47
C CYS A 48 20.70 1.04 13.14
C CYS A 48 20.74 1.00 13.14
N ILE A 49 20.54 0.72 11.85
CA ILE A 49 19.63 -0.35 11.46
C ILE A 49 20.25 -1.71 11.75
N ASP A 50 21.55 -1.87 11.48
CA ASP A 50 22.23 -3.11 11.79
C ASP A 50 22.18 -3.42 13.28
N GLU A 51 22.31 -2.38 14.12
CA GLU A 51 22.25 -2.59 15.56
C GLU A 51 20.88 -3.06 16.02
N ALA A 52 19.82 -2.61 15.35
CA ALA A 52 18.45 -2.99 15.70
C ALA A 52 17.96 -4.21 14.93
N ALA A 53 18.87 -4.95 14.28
CA ALA A 53 18.46 -6.09 13.48
C ALA A 53 17.75 -7.14 14.32
N GLU A 54 18.19 -7.32 15.57
CA GLU A 54 17.61 -8.36 16.43
C GLU A 54 16.15 -8.07 16.74
N ARG A 55 15.87 -6.89 17.31
CA ARG A 55 14.50 -6.58 17.70
C ARG A 55 13.61 -6.26 16.50
N LEU A 56 14.18 -5.84 15.37
CA LEU A 56 13.37 -5.69 14.17
C LEU A 56 12.94 -7.04 13.62
N GLY A 57 13.83 -8.04 13.69
CA GLY A 57 13.44 -9.38 13.31
C GLY A 57 12.38 -9.96 14.22
N ALA A 58 12.47 -9.64 15.52
CA ALA A 58 11.43 -10.06 16.45
C ALA A 58 10.10 -9.39 16.13
N LEU A 59 10.15 -8.12 15.71
CA LEU A 59 8.94 -7.43 15.28
C LEU A 59 8.31 -8.15 14.08
N SER A 60 9.14 -8.60 13.14
CA SER A 60 8.62 -9.31 11.98
C SER A 60 7.99 -10.64 12.37
N ARG A 61 8.66 -11.39 13.24
CA ARG A 61 8.15 -12.70 13.65
C ARG A 61 6.85 -12.56 14.43
N ALA A 62 6.74 -11.52 15.25
CA ALA A 62 5.53 -11.35 16.06
C ALA A 62 4.30 -11.15 15.17
N ILE A 63 4.45 -10.42 14.07
CA ILE A 63 3.34 -10.20 13.16
C ILE A 63 3.14 -11.41 12.25
N TRP A 64 4.22 -12.00 11.78
CA TRP A 64 4.11 -13.13 10.87
C TRP A 64 3.47 -14.33 11.55
N SER A 65 3.78 -14.56 12.82
CA SER A 65 3.31 -15.76 13.51
C SER A 65 1.84 -15.70 13.86
N GLN A 66 1.26 -14.51 14.00
CA GLN A 66 -0.15 -14.35 14.36
C GLN A 66 -0.85 -13.55 13.27
N PRO A 67 -1.13 -14.18 12.12
CA PRO A 67 -1.72 -13.44 11.00
C PRO A 67 -3.12 -12.96 11.34
N GLU A 68 -3.40 -11.71 10.97
CA GLU A 68 -4.68 -11.06 11.23
C GLU A 68 -5.18 -10.38 9.97
N LEU A 69 -6.51 -10.34 9.82
CA LEU A 69 -7.13 -9.84 8.61
C LEU A 69 -7.44 -8.35 8.72
N ALA A 70 -7.99 -7.79 7.65
CA ALA A 70 -8.26 -6.35 7.57
C ALA A 70 -9.15 -5.89 8.72
N TYR A 71 -8.71 -4.83 9.40
CA TYR A 71 -9.39 -4.21 10.53
C TYR A 71 -9.47 -5.10 11.76
N GLU A 72 -8.81 -6.27 11.73
CA GLU A 72 -8.79 -7.18 12.86
C GLU A 72 -7.38 -7.37 13.42
N GLU A 73 -6.47 -6.46 13.09
CA GLU A 73 -5.06 -6.60 13.47
C GLU A 73 -4.80 -6.01 14.84
N HIS A 74 -5.49 -6.57 15.84
CA HIS A 74 -5.35 -6.07 17.21
C HIS A 74 -3.99 -6.44 17.79
N HIS A 75 -3.51 -7.66 17.54
CA HIS A 75 -2.22 -8.07 18.06
C HIS A 75 -1.08 -7.31 17.37
N ALA A 76 -1.15 -7.18 16.05
CA ALA A 76 -0.15 -6.42 15.32
C ALA A 76 -0.10 -4.98 15.80
N HIS A 77 -1.27 -4.39 16.07
CA HIS A 77 -1.31 -3.04 16.62
C HIS A 77 -0.66 -2.98 17.99
N ARG A 78 -0.93 -3.97 18.84
CA ARG A 78 -0.26 -4.04 20.13
C ARG A 78 1.25 -4.18 19.97
N VAL A 79 1.69 -5.03 19.04
CA VAL A 79 3.12 -5.28 18.88
C VAL A 79 3.84 -4.05 18.37
N LEU A 80 3.24 -3.35 17.41
CA LEU A 80 3.92 -2.21 16.79
C LEU A 80 3.91 -0.98 17.70
N THR A 81 2.81 -0.74 18.42
CA THR A 81 2.76 0.38 19.35
C THR A 81 3.76 0.20 20.48
N HIS A 82 3.81 -1.02 21.05
CA HIS A 82 4.78 -1.30 22.11
C HIS A 82 6.22 -1.16 21.62
N PHE A 83 6.45 -1.47 20.34
CA PHE A 83 7.81 -1.37 19.79
C PHE A 83 8.33 0.05 19.86
N PHE A 84 7.55 1.01 19.37
CA PHE A 84 7.97 2.40 19.38
C PHE A 84 7.93 3.00 20.78
N GLU A 85 7.13 2.43 21.69
CA GLU A 85 7.11 2.93 23.06
C GLU A 85 8.38 2.55 23.81
N ARG A 86 8.87 1.33 23.59
N ARG A 86 8.87 1.33 23.60
CA ARG A 86 10.05 0.84 24.28
CA ARG A 86 10.06 0.86 24.29
C ARG A 86 11.35 1.27 23.61
C ARG A 86 11.36 1.26 23.60
N GLU A 87 11.29 1.99 22.50
CA GLU A 87 12.50 2.45 21.84
C GLU A 87 13.22 3.45 22.74
N PRO A 88 14.50 3.24 23.03
CA PRO A 88 15.18 4.03 24.07
C PRO A 88 15.55 5.41 23.56
N PRO A 89 15.42 6.45 24.39
CA PRO A 89 14.82 6.42 25.74
C PRO A 89 13.31 6.26 25.64
N ALA A 90 12.69 5.53 26.56
CA ALA A 90 11.25 5.28 26.46
C ALA A 90 10.49 6.59 26.40
N ALA A 91 9.42 6.60 25.60
CA ALA A 91 8.55 7.73 25.31
C ALA A 91 9.23 8.80 24.46
N SER A 92 10.43 8.54 23.93
CA SER A 92 11.02 9.48 22.99
C SER A 92 10.28 9.46 21.66
N TRP A 93 9.65 8.34 21.33
CA TRP A 93 8.68 8.28 20.24
C TRP A 93 7.30 8.59 20.81
N ALA A 94 6.68 9.68 20.35
CA ALA A 94 5.33 10.03 20.75
C ALA A 94 4.36 9.12 20.00
N VAL A 95 3.78 8.16 20.71
CA VAL A 95 2.97 7.11 20.11
C VAL A 95 1.51 7.38 20.40
N GLN A 96 0.68 7.32 19.35
CA GLN A 96 -0.77 7.49 19.47
C GLN A 96 -1.46 6.21 19.04
N PRO A 97 -1.81 5.33 19.98
CA PRO A 97 -2.52 4.10 19.61
C PRO A 97 -3.97 4.40 19.22
N HIS A 98 -4.56 3.46 18.49
CA HIS A 98 -5.94 3.55 18.03
C HIS A 98 -6.19 4.87 17.30
N TYR A 99 -5.22 5.26 16.48
CA TYR A 99 -5.26 6.56 15.79
C TYR A 99 -6.26 6.48 14.64
N GLN A 100 -7.44 7.08 14.84
CA GLN A 100 -8.49 7.19 13.84
C GLN A 100 -9.14 5.84 13.52
N LEU A 101 -8.33 4.78 13.38
CA LEU A 101 -8.84 3.42 13.28
C LEU A 101 -8.46 2.62 14.52
N PRO A 102 -9.24 1.60 14.88
CA PRO A 102 -8.92 0.85 16.11
C PRO A 102 -7.56 0.18 16.08
N THR A 103 -7.12 -0.33 14.93
CA THR A 103 -5.83 -1.00 14.81
C THR A 103 -4.76 -0.14 14.16
N ALA A 104 -5.10 1.10 13.77
CA ALA A 104 -4.10 2.02 13.26
C ALA A 104 -3.39 2.71 14.41
N PHE A 105 -2.22 3.29 14.10
CA PHE A 105 -1.43 3.98 15.11
C PHE A 105 -0.57 5.04 14.43
N ARG A 106 0.07 5.86 15.26
CA ARG A 106 0.91 6.95 14.78
C ARG A 106 2.03 7.16 15.77
N ALA A 107 3.27 7.21 15.27
CA ALA A 107 4.45 7.45 16.09
C ALA A 107 5.27 8.56 15.46
N GLU A 108 5.76 9.47 16.30
CA GLU A 108 6.46 10.65 15.82
C GLU A 108 7.71 10.90 16.65
N TRP A 109 8.79 11.31 15.97
CA TRP A 109 10.02 11.73 16.63
C TRP A 109 10.59 12.95 15.94
N GLU A 110 11.15 13.85 16.74
CA GLU A 110 11.88 15.02 16.27
C GLU A 110 12.98 15.29 17.28
N PRO A 111 14.07 15.92 16.87
CA PRO A 111 15.13 16.28 17.83
C PRO A 111 14.63 17.32 18.82
N PRO A 112 14.68 17.03 20.12
CA PRO A 112 14.17 17.98 21.11
C PRO A 112 14.99 19.26 21.18
N GLU A 113 14.72 20.20 20.28
CA GLU A 113 15.45 21.45 20.27
C GLU A 113 14.65 22.47 19.46
N ALA A 114 14.93 23.74 19.72
CA ALA A 114 14.26 24.82 19.00
C ALA A 114 15.19 26.00 18.86
N ARG A 115 14.75 26.97 18.06
CA ARG A 115 15.47 28.22 17.85
C ARG A 115 14.59 29.17 17.04
N ALA A 116 14.26 30.33 17.60
CA ALA A 116 13.32 31.24 16.95
C ALA A 116 13.86 31.73 15.60
N PRO A 121 10.87 29.00 7.62
CA PRO A 121 11.27 28.21 8.79
C PRO A 121 10.25 27.12 9.13
N ARG A 122 9.87 26.32 8.13
CA ARG A 122 8.90 25.24 8.32
C ARG A 122 9.63 23.90 8.36
N PRO A 123 9.32 23.03 9.31
CA PRO A 123 10.04 21.76 9.41
C PRO A 123 9.59 20.75 8.36
N LEU A 124 10.50 19.84 8.04
CA LEU A 124 10.20 18.77 7.10
C LEU A 124 9.49 17.62 7.81
N HIS A 125 8.40 17.15 7.22
CA HIS A 125 7.64 16.02 7.73
C HIS A 125 7.86 14.84 6.79
N LEU A 126 8.51 13.79 7.29
CA LEU A 126 8.81 12.59 6.51
C LEU A 126 8.01 11.43 7.09
N GLY A 127 7.19 10.79 6.25
CA GLY A 127 6.29 9.74 6.69
C GLY A 127 6.77 8.37 6.25
N PHE A 128 6.61 7.39 7.14
CA PHE A 128 6.89 5.99 6.85
C PHE A 128 5.69 5.16 7.24
N LEU A 129 5.23 4.31 6.33
CA LEU A 129 4.00 3.54 6.54
C LEU A 129 4.32 2.09 6.87
N CYS A 130 3.49 1.52 7.74
CA CYS A 130 3.58 0.11 8.11
C CYS A 130 2.27 -0.58 7.79
N GLU A 131 2.32 -1.58 6.91
CA GLU A 131 1.21 -2.49 6.67
C GLU A 131 1.45 -3.78 7.44
N TYR A 132 0.36 -4.49 7.74
CA TYR A 132 0.52 -5.72 8.51
C TYR A 132 -0.63 -6.73 8.37
N ASP A 133 -1.74 -6.35 7.74
CA ASP A 133 -2.84 -7.29 7.57
C ASP A 133 -2.45 -8.40 6.61
N ALA A 134 -2.96 -9.60 6.86
CA ALA A 134 -2.62 -10.81 6.12
C ALA A 134 -3.78 -11.22 5.21
N LEU A 135 -3.65 -12.42 4.61
CA LEU A 135 -4.62 -12.98 3.70
C LEU A 135 -5.33 -14.16 4.35
N PRO A 136 -6.59 -14.41 3.99
CA PRO A 136 -7.34 -15.51 4.62
C PRO A 136 -6.79 -16.86 4.23
N GLY A 137 -6.55 -17.71 5.23
CA GLY A 137 -6.25 -19.09 4.95
C GLY A 137 -4.76 -19.37 4.77
N ILE A 138 -4.08 -18.51 4.02
CA ILE A 138 -2.69 -18.73 3.67
C ILE A 138 -1.72 -17.88 4.48
N GLY A 139 -2.22 -17.02 5.36
CA GLY A 139 -1.36 -16.21 6.19
C GLY A 139 -0.79 -15.00 5.47
N HIS A 140 0.46 -14.66 5.78
CA HIS A 140 1.10 -13.47 5.24
C HIS A 140 1.77 -13.79 3.89
N ALA A 141 0.95 -14.20 2.94
CA ALA A 141 1.42 -14.54 1.60
C ALA A 141 1.81 -13.32 0.79
N CYS A 142 1.61 -12.12 1.30
CA CYS A 142 2.10 -10.90 0.68
C CYS A 142 3.30 -10.32 1.40
N GLY A 143 3.78 -10.99 2.45
CA GLY A 143 4.92 -10.48 3.20
C GLY A 143 4.68 -9.15 3.86
N HIS A 144 3.45 -8.88 4.31
CA HIS A 144 3.16 -7.60 4.94
C HIS A 144 3.82 -7.47 6.30
N ASN A 145 4.19 -8.59 6.93
CA ASN A 145 5.02 -8.52 8.13
C ASN A 145 6.35 -7.82 7.84
N LEU A 146 6.88 -8.01 6.62
CA LEU A 146 8.12 -7.35 6.26
C LEU A 146 7.90 -5.87 5.94
N ILE A 147 6.70 -5.51 5.50
CA ILE A 147 6.40 -4.10 5.24
C ILE A 147 6.39 -3.32 6.55
N ALA A 148 5.78 -3.88 7.60
CA ALA A 148 5.83 -3.24 8.91
C ALA A 148 7.27 -3.13 9.40
N GLU A 149 8.08 -4.18 9.21
CA GLU A 149 9.46 -4.15 9.66
C GLU A 149 10.26 -3.10 8.90
N VAL A 150 10.09 -3.04 7.57
CA VAL A 150 10.91 -2.14 6.76
C VAL A 150 10.54 -0.68 7.01
N GLY A 151 9.28 -0.41 7.34
CA GLY A 151 8.90 0.97 7.66
C GLY A 151 9.38 1.39 9.02
N ALA A 152 9.36 0.47 9.99
CA ALA A 152 9.89 0.78 11.31
C ALA A 152 11.41 0.92 11.27
N ALA A 153 12.08 0.09 10.48
CA ALA A 153 13.54 0.14 10.42
C ALA A 153 14.02 1.43 9.76
N ALA A 154 13.36 1.86 8.68
CA ALA A 154 13.77 3.09 8.00
C ALA A 154 13.64 4.30 8.91
N ALA A 155 12.53 4.37 9.67
CA ALA A 155 12.34 5.47 10.59
C ALA A 155 13.35 5.42 11.74
N LEU A 156 13.68 4.22 12.19
CA LEU A 156 14.72 4.09 13.20
C LEU A 156 16.07 4.57 12.67
N GLY A 157 16.38 4.23 11.42
CA GLY A 157 17.67 4.61 10.86
C GLY A 157 17.79 6.12 10.66
N VAL A 158 16.69 6.77 10.32
CA VAL A 158 16.71 8.22 10.12
C VAL A 158 16.95 8.92 11.46
N ARG A 159 16.23 8.51 12.51
CA ARG A 159 16.41 9.14 13.81
C ARG A 159 17.84 8.96 14.31
N GLY A 160 18.40 7.76 14.15
CA GLY A 160 19.76 7.52 14.61
C GLY A 160 20.78 8.37 13.89
N ALA A 161 20.56 8.60 12.58
CA ALA A 161 21.47 9.44 11.83
C ALA A 161 21.38 10.90 12.28
N LEU A 162 20.18 11.34 12.64
CA LEU A 162 20.00 12.71 13.13
C LEU A 162 20.41 12.83 14.60
N GLU A 163 20.13 11.79 15.40
CA GLU A 163 20.60 11.76 16.78
C GLU A 163 22.13 11.91 16.83
N GLY A 164 22.83 11.14 16.00
CA GLY A 164 24.27 11.22 15.91
C GLY A 164 24.78 12.41 15.11
N LEU A 165 24.09 13.54 15.25
CA LEU A 165 24.51 14.78 14.64
C LEU A 165 24.70 15.83 15.73
N PRO A 166 25.87 16.43 15.85
CA PRO A 166 26.03 17.54 16.80
C PRO A 166 25.42 18.80 16.24
N ARG A 167 25.68 19.95 16.88
CA ARG A 167 25.30 21.24 16.31
C ARG A 167 23.78 21.33 16.19
N PRO A 168 23.21 22.37 15.59
CA PRO A 168 21.76 22.36 15.33
C PRO A 168 21.39 21.40 14.22
N PRO A 169 20.50 20.45 14.48
CA PRO A 169 19.99 19.58 13.41
C PRO A 169 18.87 20.28 12.66
N PRO A 170 18.79 20.11 11.35
CA PRO A 170 17.72 20.76 10.58
C PRO A 170 16.36 20.34 11.09
N PRO A 171 15.36 21.21 10.96
CA PRO A 171 14.02 20.88 11.47
C PRO A 171 13.35 19.76 10.69
N VAL A 172 13.21 18.59 11.32
CA VAL A 172 12.62 17.41 10.69
C VAL A 172 11.76 16.70 11.73
N LYS A 173 10.63 16.16 11.28
CA LYS A 173 9.76 15.31 12.10
C LYS A 173 9.59 13.97 11.39
N VAL A 174 10.01 12.90 12.03
CA VAL A 174 9.83 11.54 11.52
C VAL A 174 8.49 11.01 11.98
N VAL A 175 7.61 10.68 11.05
CA VAL A 175 6.26 10.26 11.34
C VAL A 175 6.07 8.83 10.82
N VAL A 176 5.67 7.93 11.71
CA VAL A 176 5.33 6.56 11.35
C VAL A 176 3.82 6.41 11.46
N LEU A 177 3.22 5.86 10.41
CA LEU A 177 1.77 5.65 10.36
C LEU A 177 1.49 4.17 10.13
N GLY A 178 0.76 3.56 11.07
CA GLY A 178 0.28 2.20 10.87
C GLY A 178 -1.00 2.20 10.06
N THR A 179 -0.95 1.62 8.86
CA THR A 179 -2.09 1.65 7.94
C THR A 179 -2.67 0.25 7.79
N PRO A 180 -3.73 -0.09 8.52
CA PRO A 180 -4.30 -1.43 8.41
C PRO A 180 -5.09 -1.58 7.12
N ALA A 181 -5.48 -2.83 6.84
CA ALA A 181 -6.46 -3.16 5.82
C ALA A 181 -6.03 -2.67 4.42
N GLU A 182 -4.84 -3.09 4.00
CA GLU A 182 -4.44 -2.83 2.62
C GLU A 182 -5.10 -3.82 1.66
N GLU A 183 -5.19 -5.09 2.06
CA GLU A 183 -5.71 -6.12 1.17
C GLU A 183 -7.22 -6.03 0.99
N ASP A 184 -7.92 -5.26 1.82
CA ASP A 184 -9.36 -5.09 1.68
C ASP A 184 -9.80 -3.90 2.52
N GLY A 185 -10.50 -2.95 1.91
CA GLY A 185 -10.98 -1.78 2.62
C GLY A 185 -10.24 -0.52 2.25
N GLY A 186 -8.94 -0.50 2.48
CA GLY A 186 -8.14 0.68 2.21
C GLY A 186 -7.97 1.57 3.43
N GLY A 187 -7.23 1.07 4.42
CA GLY A 187 -7.05 1.84 5.64
C GLY A 187 -6.33 3.15 5.43
N LYS A 188 -5.44 3.22 4.43
CA LYS A 188 -4.82 4.48 4.08
C LYS A 188 -5.86 5.51 3.66
N ILE A 189 -6.92 5.07 2.98
CA ILE A 189 -7.97 6.00 2.57
C ILE A 189 -8.74 6.50 3.78
N ASP A 190 -9.03 5.61 4.73
CA ASP A 190 -9.65 6.06 5.98
C ASP A 190 -8.77 7.08 6.68
N LEU A 191 -7.45 6.88 6.64
CA LEU A 191 -6.54 7.84 7.25
C LEU A 191 -6.48 9.14 6.45
N ILE A 192 -6.56 9.04 5.12
CA ILE A 192 -6.63 10.25 4.29
C ILE A 192 -7.84 11.08 4.65
N GLU A 193 -9.00 10.43 4.84
CA GLU A 193 -10.21 11.15 5.18
C GLU A 193 -10.15 11.78 6.56
N ALA A 194 -9.28 11.27 7.44
CA ALA A 194 -9.05 11.90 8.73
C ALA A 194 -8.02 13.02 8.67
N GLY A 195 -7.42 13.26 7.51
CA GLY A 195 -6.43 14.30 7.35
C GLY A 195 -5.04 13.92 7.80
N ALA A 196 -4.74 12.62 7.87
CA ALA A 196 -3.43 12.18 8.38
C ALA A 196 -2.28 12.51 7.44
N PHE A 197 -2.56 12.74 6.16
CA PHE A 197 -1.51 12.98 5.17
C PHE A 197 -1.43 14.43 4.72
N THR A 198 -2.22 15.33 5.32
CA THR A 198 -2.28 16.70 4.84
C THR A 198 -1.05 17.51 5.19
N ASN A 199 -0.25 17.06 6.16
CA ASN A 199 0.93 17.81 6.58
C ASN A 199 2.22 17.03 6.35
N LEU A 200 2.19 15.97 5.54
CA LEU A 200 3.38 15.22 5.18
C LEU A 200 3.98 15.78 3.89
N ASP A 201 5.30 15.87 3.86
CA ASP A 201 5.98 16.36 2.66
C ASP A 201 6.40 15.22 1.74
N VAL A 202 6.92 14.13 2.31
CA VAL A 202 7.32 12.94 1.56
C VAL A 202 6.89 11.72 2.38
N VAL A 203 6.57 10.63 1.68
CA VAL A 203 6.13 9.39 2.32
C VAL A 203 6.86 8.21 1.69
N PHE A 204 7.29 7.26 2.53
CA PHE A 204 8.07 6.10 2.09
C PHE A 204 7.42 4.81 2.57
N MET A 205 7.49 3.77 1.73
CA MET A 205 7.28 2.40 2.17
C MET A 205 7.93 1.49 1.14
N ALA A 206 7.90 0.18 1.41
CA ALA A 206 8.45 -0.81 0.49
C ALA A 206 7.66 -2.10 0.63
N HIS A 207 7.63 -2.87 -0.45
CA HIS A 207 6.77 -4.06 -0.54
C HIS A 207 7.59 -5.21 -1.10
N PRO A 208 7.69 -6.35 -0.40
CA PRO A 208 8.46 -7.47 -0.93
C PRO A 208 7.77 -8.09 -2.15
N SER A 209 8.59 -8.51 -3.11
N SER A 209 8.59 -8.52 -3.10
CA SER A 209 8.08 -9.13 -4.32
CA SER A 209 8.08 -9.12 -4.33
C SER A 209 9.05 -10.17 -4.86
C SER A 209 9.04 -10.17 -4.87
N GLN A 210 9.23 -10.19 -6.19
CA GLN A 210 10.15 -11.13 -6.83
C GLN A 210 11.41 -10.48 -7.37
N GLU A 211 11.37 -9.19 -7.69
CA GLU A 211 12.52 -8.48 -8.22
C GLU A 211 12.58 -7.09 -7.59
N ASN A 212 13.78 -6.52 -7.60
CA ASN A 212 14.00 -5.18 -7.04
C ASN A 212 13.68 -4.15 -8.11
N ALA A 213 12.64 -3.35 -7.85
CA ALA A 213 12.23 -2.29 -8.76
C ALA A 213 11.83 -1.08 -7.94
N ALA A 214 12.43 0.08 -8.24
CA ALA A 214 12.08 1.31 -7.54
C ALA A 214 10.66 1.77 -7.81
N TYR A 215 10.01 1.21 -8.83
CA TYR A 215 8.62 1.55 -9.14
C TYR A 215 8.04 0.46 -10.02
N LEU A 216 6.78 0.10 -9.76
CA LEU A 216 6.06 -0.89 -10.54
C LEU A 216 4.63 -0.39 -10.77
N PRO A 217 4.09 -0.60 -11.97
CA PRO A 217 2.74 -0.07 -12.27
C PRO A 217 1.62 -0.77 -11.51
N ASP A 218 1.08 -0.10 -10.50
CA ASP A 218 -0.15 -0.53 -9.84
C ASP A 218 -1.29 0.33 -10.36
N MET A 219 -2.39 -0.31 -10.73
CA MET A 219 -3.46 0.34 -11.46
C MET A 219 -4.55 0.83 -10.50
N ALA A 220 -5.46 1.64 -11.05
CA ALA A 220 -6.65 2.04 -10.34
C ALA A 220 -7.67 0.90 -10.34
N GLU A 221 -8.53 0.88 -9.33
CA GLU A 221 -9.49 -0.22 -9.18
C GLU A 221 -10.83 0.32 -8.69
N HIS A 222 -11.90 -0.26 -9.23
CA HIS A 222 -13.27 0.04 -8.82
C HIS A 222 -14.00 -1.28 -8.61
N ASP A 223 -14.54 -1.47 -7.41
CA ASP A 223 -15.29 -2.67 -7.08
C ASP A 223 -16.78 -2.40 -7.25
N VAL A 224 -17.54 -3.46 -7.54
CA VAL A 224 -18.97 -3.32 -7.76
C VAL A 224 -19.67 -4.62 -7.39
N THR A 225 -20.87 -4.49 -6.84
CA THR A 225 -21.76 -5.62 -6.56
C THR A 225 -23.06 -5.40 -7.32
N VAL A 226 -23.46 -6.39 -8.10
CA VAL A 226 -24.63 -6.30 -8.96
C VAL A 226 -25.68 -7.29 -8.48
N LYS A 227 -26.89 -6.80 -8.24
CA LYS A 227 -27.99 -7.62 -7.78
C LYS A 227 -29.16 -7.46 -8.74
N TYR A 228 -29.76 -8.60 -9.14
CA TYR A 228 -30.90 -8.62 -10.03
C TYR A 228 -32.13 -9.13 -9.30
N TYR A 229 -33.27 -8.50 -9.55
CA TYR A 229 -34.52 -8.84 -8.88
C TYR A 229 -35.58 -9.13 -9.92
N GLY A 230 -36.15 -10.33 -9.85
CA GLY A 230 -37.24 -10.70 -10.75
C GLY A 230 -38.54 -10.95 -10.03
N LYS A 231 -39.34 -11.88 -10.55
CA LYS A 231 -40.60 -12.27 -9.92
C LYS A 231 -40.82 -13.75 -10.20
N ALA A 232 -41.07 -14.52 -9.14
CA ALA A 232 -41.23 -15.97 -9.27
C ALA A 232 -42.70 -16.35 -9.50
N TYR A 238 -45.95 -22.62 -13.52
CA TYR A 238 -46.20 -21.40 -14.29
C TYR A 238 -44.93 -20.58 -14.46
N PRO A 239 -44.02 -21.04 -15.33
CA PRO A 239 -42.82 -20.24 -15.63
C PRO A 239 -43.07 -19.12 -16.62
N TRP A 240 -44.15 -19.20 -17.41
CA TRP A 240 -44.53 -18.11 -18.31
C TRP A 240 -44.73 -16.81 -17.55
N GLU A 241 -45.15 -16.90 -16.28
CA GLU A 241 -45.26 -15.74 -15.40
C GLU A 241 -44.01 -15.64 -14.52
N GLY A 242 -42.87 -15.54 -15.18
CA GLY A 242 -41.60 -15.55 -14.48
C GLY A 242 -40.54 -14.61 -15.05
N LEU A 243 -39.92 -13.85 -14.17
CA LEU A 243 -38.74 -13.06 -14.50
C LEU A 243 -37.51 -13.77 -13.92
N ASN A 244 -36.62 -14.21 -14.80
CA ASN A 244 -35.51 -15.07 -14.42
C ASN A 244 -34.30 -14.20 -14.10
N ALA A 245 -33.99 -14.07 -12.81
CA ALA A 245 -32.81 -13.30 -12.41
C ALA A 245 -31.52 -14.03 -12.71
N LEU A 246 -31.55 -15.36 -12.80
CA LEU A 246 -30.36 -16.10 -13.19
C LEU A 246 -30.01 -15.85 -14.65
N ASP A 247 -31.04 -15.74 -15.50
CA ASP A 247 -30.81 -15.32 -16.89
C ASP A 247 -30.08 -13.98 -16.93
N ALA A 248 -30.47 -13.05 -16.05
CA ALA A 248 -29.83 -11.74 -16.02
C ALA A 248 -28.35 -11.86 -15.69
N ALA A 249 -28.00 -12.72 -14.74
CA ALA A 249 -26.59 -12.90 -14.38
C ALA A 249 -25.80 -13.49 -15.54
N VAL A 250 -26.37 -14.49 -16.21
CA VAL A 250 -25.67 -15.13 -17.33
C VAL A 250 -25.56 -14.17 -18.51
N LEU A 251 -26.64 -13.42 -18.78
CA LEU A 251 -26.59 -12.46 -19.88
C LEU A 251 -25.59 -11.35 -19.59
N ALA A 252 -25.51 -10.90 -18.33
CA ALA A 252 -24.49 -9.92 -17.97
C ALA A 252 -23.10 -10.50 -18.17
N TYR A 253 -22.90 -11.77 -17.80
CA TYR A 253 -21.61 -12.43 -18.03
C TYR A 253 -21.27 -12.45 -19.52
N ASN A 254 -22.24 -12.78 -20.36
CA ASN A 254 -22.00 -12.81 -21.80
C ASN A 254 -21.72 -11.41 -22.35
N ASN A 255 -22.42 -10.40 -21.84
CA ASN A 255 -22.23 -9.03 -22.32
C ASN A 255 -20.80 -8.57 -22.07
N LEU A 256 -20.29 -8.82 -20.86
CA LEU A 256 -18.91 -8.43 -20.55
C LEU A 256 -17.91 -9.31 -21.31
N SER A 257 -18.24 -10.58 -21.54
CA SER A 257 -17.29 -11.50 -22.15
C SER A 257 -16.95 -11.06 -23.58
N VAL A 258 -17.97 -10.78 -24.39
CA VAL A 258 -17.70 -10.33 -25.75
C VAL A 258 -17.09 -8.93 -25.78
N PHE A 259 -17.32 -8.14 -24.72
CA PHE A 259 -16.71 -6.82 -24.62
C PHE A 259 -15.20 -6.91 -24.48
N ARG A 260 -14.67 -8.04 -24.01
CA ARG A 260 -13.24 -8.16 -23.78
C ARG A 260 -12.43 -7.93 -25.05
N GLN A 261 -13.01 -8.22 -26.21
CA GLN A 261 -12.31 -8.00 -27.48
C GLN A 261 -12.01 -6.53 -27.71
N GLN A 262 -12.83 -5.64 -27.17
CA GLN A 262 -12.70 -4.21 -27.41
C GLN A 262 -12.10 -3.44 -26.23
N MET A 263 -11.81 -4.10 -25.12
CA MET A 263 -11.13 -3.43 -24.02
C MET A 263 -9.70 -3.06 -24.42
N LYS A 264 -9.22 -1.95 -23.88
CA LYS A 264 -7.81 -1.63 -24.02
C LYS A 264 -6.98 -2.74 -23.37
N PRO A 265 -5.88 -3.16 -24.00
CA PRO A 265 -5.16 -4.35 -23.50
C PRO A 265 -4.62 -4.20 -22.08
N THR A 266 -4.57 -2.98 -21.55
CA THR A 266 -4.12 -2.76 -20.18
C THR A 266 -5.25 -2.90 -19.16
N TRP A 267 -6.49 -3.04 -19.60
CA TRP A 267 -7.63 -3.11 -18.71
C TRP A 267 -7.85 -4.54 -18.21
N ARG A 268 -8.47 -4.64 -17.04
CA ARG A 268 -8.71 -5.94 -16.41
C ARG A 268 -10.13 -5.96 -15.83
N VAL A 269 -10.83 -7.07 -16.06
CA VAL A 269 -12.18 -7.26 -15.53
C VAL A 269 -12.27 -8.69 -15.02
N HIS A 270 -12.61 -8.85 -13.73
CA HIS A 270 -12.77 -10.16 -13.13
C HIS A 270 -14.01 -10.14 -12.24
N GLY A 271 -14.77 -11.23 -12.27
CA GLY A 271 -15.99 -11.29 -11.49
C GLY A 271 -16.50 -12.70 -11.35
N ILE A 272 -17.46 -12.86 -10.44
CA ILE A 272 -18.05 -14.14 -10.12
C ILE A 272 -19.56 -13.98 -10.00
N ILE A 273 -20.26 -15.11 -10.09
CA ILE A 273 -21.69 -15.19 -9.81
C ILE A 273 -21.82 -15.74 -8.39
N LYS A 274 -21.95 -14.85 -7.41
CA LYS A 274 -22.02 -15.28 -6.01
C LYS A 274 -23.31 -16.04 -5.74
N ASN A 275 -24.42 -15.61 -6.33
CA ASN A 275 -25.73 -16.22 -6.11
C ASN A 275 -26.39 -16.43 -7.46
N GLY A 276 -26.64 -17.69 -7.82
CA GLY A 276 -27.27 -18.02 -9.08
C GLY A 276 -28.43 -18.99 -8.95
N GLY A 277 -29.20 -18.84 -7.89
CA GLY A 277 -30.36 -19.69 -7.66
C GLY A 277 -30.15 -20.59 -6.44
N VAL A 278 -31.28 -21.12 -5.94
CA VAL A 278 -31.29 -21.95 -4.74
C VAL A 278 -31.86 -23.33 -5.02
N LYS A 279 -33.00 -23.40 -5.70
CA LYS A 279 -33.61 -24.66 -6.08
C LYS A 279 -34.04 -24.63 -7.54
N PRO A 280 -33.86 -25.72 -8.27
CA PRO A 280 -34.18 -25.72 -9.71
C PRO A 280 -35.67 -25.66 -10.00
N ASN A 281 -36.53 -26.05 -9.06
CA ASN A 281 -37.97 -26.09 -9.31
C ASN A 281 -38.64 -24.73 -9.10
N ILE A 282 -37.88 -23.68 -8.80
CA ILE A 282 -38.42 -22.35 -8.64
C ILE A 282 -37.59 -21.40 -9.50
N ILE A 283 -38.27 -20.59 -10.31
CA ILE A 283 -37.59 -19.57 -11.11
C ILE A 283 -36.81 -18.67 -10.17
N PRO A 284 -35.49 -18.53 -10.34
CA PRO A 284 -34.71 -17.66 -9.45
C PRO A 284 -35.15 -16.21 -9.61
N SER A 285 -35.66 -15.64 -8.53
CA SER A 285 -36.07 -14.24 -8.51
C SER A 285 -34.97 -13.31 -8.01
N TYR A 286 -33.76 -13.84 -7.79
CA TYR A 286 -32.67 -13.04 -7.26
C TYR A 286 -31.35 -13.63 -7.76
N SER A 287 -30.42 -12.75 -8.14
CA SER A 287 -29.07 -13.14 -8.49
C SER A 287 -28.12 -12.06 -8.05
N GLU A 288 -26.85 -12.43 -7.88
CA GLU A 288 -25.86 -11.51 -7.34
C GLU A 288 -24.50 -11.78 -7.97
N LEU A 289 -23.89 -10.73 -8.48
CA LEU A 289 -22.55 -10.80 -9.07
C LEU A 289 -21.63 -9.81 -8.35
N ILE A 290 -20.35 -10.16 -8.29
CA ILE A 290 -19.34 -9.31 -7.66
C ILE A 290 -18.17 -9.18 -8.63
N TYR A 291 -17.88 -7.94 -9.04
CA TYR A 291 -16.86 -7.65 -10.04
C TYR A 291 -15.93 -6.56 -9.53
N TYR A 292 -14.72 -6.54 -10.10
CA TYR A 292 -13.82 -5.40 -9.94
C TYR A 292 -13.13 -5.15 -11.27
N PHE A 293 -12.89 -3.87 -11.56
CA PHE A 293 -12.27 -3.43 -12.80
C PHE A 293 -11.00 -2.66 -12.48
N ARG A 294 -10.00 -2.79 -13.35
CA ARG A 294 -8.73 -2.11 -13.18
C ARG A 294 -8.30 -1.45 -14.49
N ALA A 295 -7.84 -0.21 -14.39
CA ALA A 295 -7.32 0.57 -15.50
C ALA A 295 -6.17 1.42 -15.00
N PRO A 296 -5.22 1.77 -15.85
CA PRO A 296 -4.02 2.50 -15.38
C PRO A 296 -4.28 3.93 -14.96
N SER A 297 -5.49 4.46 -15.15
CA SER A 297 -5.77 5.83 -14.76
C SER A 297 -7.21 5.94 -14.29
N MET A 298 -7.49 7.03 -13.57
CA MET A 298 -8.86 7.29 -13.12
C MET A 298 -9.78 7.56 -14.30
N LYS A 299 -9.28 8.28 -15.31
CA LYS A 299 -10.10 8.59 -16.48
C LYS A 299 -10.45 7.34 -17.26
N GLU A 300 -9.47 6.45 -17.46
CA GLU A 300 -9.74 5.22 -18.18
C GLU A 300 -10.64 4.28 -17.37
N LEU A 301 -10.49 4.28 -16.05
CA LEU A 301 -11.35 3.46 -15.21
C LEU A 301 -12.81 3.89 -15.29
N GLN A 302 -13.05 5.19 -15.48
CA GLN A 302 -14.43 5.67 -15.60
C GLN A 302 -15.07 5.17 -16.89
N VAL A 303 -14.29 5.12 -17.98
CA VAL A 303 -14.84 4.62 -19.25
C VAL A 303 -15.14 3.14 -19.16
N LEU A 304 -14.23 2.36 -18.56
CA LEU A 304 -14.46 0.94 -18.38
C LEU A 304 -15.66 0.68 -17.48
N THR A 305 -15.83 1.49 -16.43
CA THR A 305 -16.93 1.28 -15.51
C THR A 305 -18.27 1.61 -16.15
N LYS A 306 -18.33 2.67 -16.95
CA LYS A 306 -19.56 2.98 -17.68
C LYS A 306 -19.90 1.88 -18.69
N LYS A 307 -18.88 1.35 -19.38
CA LYS A 307 -19.10 0.26 -20.31
C LYS A 307 -19.65 -0.97 -19.59
N ALA A 308 -19.16 -1.24 -18.37
CA ALA A 308 -19.67 -2.37 -17.61
C ALA A 308 -21.10 -2.13 -17.13
N GLU A 309 -21.39 -0.90 -16.69
CA GLU A 309 -22.76 -0.57 -16.31
C GLU A 309 -23.72 -0.83 -17.46
N ASP A 310 -23.32 -0.47 -18.68
CA ASP A 310 -24.16 -0.75 -19.86
C ASP A 310 -24.41 -2.25 -19.99
N CYS A 311 -23.39 -3.07 -19.71
CA CYS A 311 -23.56 -4.51 -19.79
C CYS A 311 -24.50 -5.03 -18.70
N PHE A 312 -24.40 -4.47 -17.49
CA PHE A 312 -25.26 -4.91 -16.40
C PHE A 312 -26.71 -4.49 -16.65
N ARG A 313 -26.92 -3.24 -17.08
CA ARG A 313 -28.27 -2.76 -17.30
C ARG A 313 -28.91 -3.42 -18.52
N ALA A 314 -28.10 -3.80 -19.52
CA ALA A 314 -28.64 -4.50 -20.67
C ALA A 314 -29.19 -5.86 -20.27
N ALA A 315 -28.51 -6.55 -19.36
CA ALA A 315 -29.02 -7.83 -18.86
C ALA A 315 -30.36 -7.65 -18.17
N ALA A 316 -30.52 -6.55 -17.43
CA ALA A 316 -31.82 -6.27 -16.81
C ALA A 316 -32.89 -6.04 -17.87
N LEU A 317 -32.56 -5.28 -18.92
CA LEU A 317 -33.54 -5.00 -19.96
C LEU A 317 -33.95 -6.27 -20.69
N ALA A 318 -33.00 -7.15 -20.99
CA ALA A 318 -33.31 -8.36 -21.73
C ALA A 318 -34.11 -9.35 -20.88
N SER A 319 -33.89 -9.37 -19.57
CA SER A 319 -34.54 -10.34 -18.71
C SER A 319 -35.81 -9.81 -18.07
N GLY A 320 -35.99 -8.49 -18.05
CA GLY A 320 -37.11 -7.87 -17.38
C GLY A 320 -36.90 -7.60 -15.91
N CYS A 321 -35.77 -8.02 -15.36
CA CYS A 321 -35.45 -7.79 -13.96
C CYS A 321 -35.03 -6.33 -13.72
N THR A 322 -35.16 -5.90 -12.48
CA THR A 322 -34.55 -4.66 -12.04
C THR A 322 -33.16 -4.96 -11.48
N VAL A 323 -32.29 -3.95 -11.50
CA VAL A 323 -30.89 -4.14 -11.15
C VAL A 323 -30.46 -3.03 -10.20
N GLU A 324 -29.68 -3.41 -9.19
CA GLU A 324 -28.95 -2.48 -8.34
C GLU A 324 -27.46 -2.64 -8.60
N ILE A 325 -26.81 -1.54 -8.94
CA ILE A 325 -25.37 -1.51 -9.17
C ILE A 325 -24.76 -0.66 -8.06
N LYS A 326 -24.01 -1.30 -7.17
CA LYS A 326 -23.45 -0.66 -5.98
C LYS A 326 -21.94 -0.74 -6.05
N GLY A 327 -21.29 0.41 -6.23
CA GLY A 327 -19.84 0.46 -6.20
C GLY A 327 -19.31 0.37 -4.78
N GLY A 328 -18.05 -0.03 -4.68
CA GLY A 328 -17.41 -0.11 -3.38
C GLY A 328 -17.30 1.25 -2.70
N ALA A 329 -17.05 1.20 -1.39
CA ALA A 329 -16.95 2.44 -0.62
C ALA A 329 -15.78 3.29 -1.10
N HIS A 330 -14.66 2.65 -1.43
CA HIS A 330 -13.45 3.36 -1.84
C HIS A 330 -12.96 2.82 -3.18
N ASP A 331 -12.71 3.73 -4.11
CA ASP A 331 -11.96 3.39 -5.31
C ASP A 331 -10.47 3.52 -5.02
N TYR A 332 -9.69 2.60 -5.59
CA TYR A 332 -8.24 2.65 -5.43
C TYR A 332 -7.63 3.43 -6.58
N TYR A 333 -6.70 4.33 -6.25
CA TYR A 333 -6.03 5.13 -7.26
C TYR A 333 -4.77 4.42 -7.75
N ASN A 334 -4.39 4.73 -8.98
CA ASN A 334 -3.09 4.29 -9.46
C ASN A 334 -1.99 5.07 -8.75
N VAL A 335 -0.80 4.47 -8.69
CA VAL A 335 0.32 5.06 -7.97
C VAL A 335 1.04 6.03 -8.90
N LEU A 336 1.04 7.31 -8.54
CA LEU A 336 1.83 8.28 -9.31
C LEU A 336 3.30 8.10 -8.99
N PRO A 337 4.16 7.98 -9.99
CA PRO A 337 5.60 7.98 -9.74
C PRO A 337 6.12 9.39 -9.48
N ASN A 338 7.32 9.44 -8.91
CA ASN A 338 8.02 10.69 -8.68
C ASN A 338 9.45 10.51 -9.18
N LYS A 339 9.77 11.14 -10.31
CA LYS A 339 11.04 10.88 -10.99
C LYS A 339 12.23 11.23 -10.10
N SER A 340 12.21 12.41 -9.48
CA SER A 340 13.34 12.83 -8.66
C SER A 340 13.52 11.90 -7.47
N LEU A 341 12.43 11.58 -6.77
CA LEU A 341 12.51 10.66 -5.65
C LEU A 341 12.96 9.27 -6.11
N TRP A 342 12.49 8.84 -7.28
CA TRP A 342 12.87 7.53 -7.82
C TRP A 342 14.37 7.46 -8.07
N LYS A 343 14.91 8.44 -8.81
CA LYS A 343 16.33 8.40 -9.18
C LYS A 343 17.23 8.47 -7.94
N ALA A 344 16.82 9.22 -6.92
CA ALA A 344 17.62 9.30 -5.70
C ALA A 344 17.59 7.98 -4.94
N TYR A 345 16.47 7.28 -4.96
CA TYR A 345 16.39 5.99 -4.28
C TYR A 345 17.25 4.93 -4.98
N MET A 346 17.26 4.94 -6.31
N MET A 346 17.25 4.94 -6.31
CA MET A 346 18.04 3.95 -7.04
CA MET A 346 18.04 3.95 -7.04
C MET A 346 19.53 4.16 -6.82
C MET A 346 19.53 4.16 -6.82
N GLU A 347 19.98 5.41 -6.73
CA GLU A 347 21.39 5.66 -6.50
C GLU A 347 21.82 5.20 -5.11
N ASN A 348 20.91 5.21 -4.14
CA ASN A 348 21.25 4.73 -2.81
C ASN A 348 21.27 3.21 -2.74
N GLY A 349 20.33 2.56 -3.43
CA GLY A 349 20.31 1.10 -3.44
C GLY A 349 21.50 0.52 -4.19
N ARG A 350 21.96 1.22 -5.23
CA ARG A 350 23.12 0.74 -5.98
C ARG A 350 24.35 0.65 -5.08
N LYS A 351 24.59 1.68 -4.26
CA LYS A 351 25.69 1.63 -3.31
C LYS A 351 25.52 0.50 -2.30
N LEU A 352 24.29 0.05 -2.07
CA LEU A 352 24.02 -1.01 -1.11
C LEU A 352 24.12 -2.41 -1.71
N GLY A 353 24.25 -2.51 -3.04
CA GLY A 353 24.32 -3.79 -3.71
C GLY A 353 23.03 -4.26 -4.34
N ILE A 354 21.99 -3.43 -4.37
CA ILE A 354 20.72 -3.81 -4.95
C ILE A 354 20.78 -3.63 -6.46
N GLU A 355 20.40 -4.67 -7.18
CA GLU A 355 20.34 -4.62 -8.64
C GLU A 355 18.88 -4.48 -9.06
N PHE A 356 18.59 -3.45 -9.83
CA PHE A 356 17.23 -3.15 -10.24
C PHE A 356 16.96 -3.65 -11.66
N ILE A 357 15.70 -3.94 -11.93
CA ILE A 357 15.30 -4.42 -13.25
C ILE A 357 15.20 -3.25 -14.22
N GLY A 365 2.56 -5.08 -9.28
CA GLY A 365 3.24 -5.98 -8.35
C GLY A 365 2.40 -7.19 -7.98
N PRO A 366 2.36 -7.50 -6.68
CA PRO A 366 1.51 -8.61 -6.21
C PRO A 366 0.06 -8.44 -6.64
N SER A 367 -0.61 -7.45 -6.06
CA SER A 367 -1.92 -7.01 -6.52
C SER A 367 -1.74 -5.72 -7.31
N GLY A 368 -2.26 -5.71 -8.54
CA GLY A 368 -2.13 -4.56 -9.41
C GLY A 368 -2.92 -3.34 -9.00
N SER A 369 -3.07 -3.13 -7.69
CA SER A 369 -3.76 -1.98 -7.11
C SER A 369 -3.52 -1.98 -5.62
N THR A 370 -3.33 -0.79 -5.04
CA THR A 370 -3.09 -0.65 -3.62
C THR A 370 -3.58 0.73 -3.17
N ASP A 371 -3.97 0.83 -1.90
CA ASP A 371 -4.44 2.11 -1.40
C ASP A 371 -3.33 3.13 -1.23
N PHE A 372 -2.06 2.73 -1.44
CA PHE A 372 -0.99 3.71 -1.52
C PHE A 372 -1.15 4.62 -2.73
N GLY A 373 -1.84 4.16 -3.78
CA GLY A 373 -2.11 5.01 -4.91
C GLY A 373 -2.90 6.26 -4.52
N ASN A 374 -3.89 6.09 -3.64
CA ASN A 374 -4.59 7.24 -3.09
C ASN A 374 -3.66 8.14 -2.29
N VAL A 375 -2.66 7.55 -1.63
CA VAL A 375 -1.70 8.34 -0.87
C VAL A 375 -0.78 9.10 -1.81
N SER A 376 -0.27 8.42 -2.84
CA SER A 376 0.63 9.08 -3.79
C SER A 376 -0.04 10.25 -4.50
N PHE A 377 -1.37 10.29 -4.56
CA PHE A 377 -2.09 11.38 -5.18
C PHE A 377 -2.11 12.65 -4.32
N VAL A 378 -1.89 12.51 -3.02
CA VAL A 378 -1.92 13.67 -2.12
C VAL A 378 -0.55 13.98 -1.50
N VAL A 379 0.37 13.01 -1.45
CA VAL A 379 1.72 13.25 -0.93
C VAL A 379 2.72 12.63 -1.90
N PRO A 380 3.81 13.32 -2.24
CA PRO A 380 4.86 12.67 -3.04
C PRO A 380 5.44 11.47 -2.30
N GLY A 381 5.47 10.33 -2.98
CA GLY A 381 5.94 9.11 -2.35
C GLY A 381 6.55 8.15 -3.35
N ILE A 382 7.26 7.17 -2.80
CA ILE A 382 7.78 6.04 -3.56
C ILE A 382 7.36 4.75 -2.89
N HIS A 383 7.15 3.73 -3.72
CA HIS A 383 6.67 2.43 -3.26
C HIS A 383 7.49 1.33 -3.93
N PRO A 384 8.79 1.26 -3.64
CA PRO A 384 9.64 0.28 -4.31
C PRO A 384 9.34 -1.14 -3.85
N TYR A 385 9.53 -2.08 -4.76
CA TYR A 385 9.41 -3.50 -4.48
C TYR A 385 10.80 -4.11 -4.37
N PHE A 386 10.94 -5.11 -3.49
CA PHE A 386 12.25 -5.71 -3.27
C PHE A 386 12.16 -7.22 -3.19
N HIS A 387 13.15 -7.88 -3.78
CA HIS A 387 13.30 -9.32 -3.75
C HIS A 387 13.80 -9.78 -2.38
N ILE A 388 13.35 -10.95 -1.95
CA ILE A 388 13.62 -11.40 -0.58
C ILE A 388 14.24 -12.80 -0.57
N GLY A 389 14.84 -13.21 -1.68
CA GLY A 389 15.51 -14.50 -1.72
C GLY A 389 14.64 -15.68 -2.09
N SER A 390 13.52 -15.44 -2.77
CA SER A 390 12.60 -16.52 -3.10
C SER A 390 12.08 -16.32 -4.52
N ASN A 391 11.74 -17.44 -5.15
CA ASN A 391 11.09 -17.44 -6.46
C ASN A 391 9.57 -17.55 -6.37
N ALA A 392 9.04 -17.82 -5.17
CA ALA A 392 7.60 -17.97 -5.01
C ALA A 392 6.88 -16.67 -5.35
N LEU A 393 5.62 -16.80 -5.76
CA LEU A 393 4.81 -15.65 -6.14
C LEU A 393 4.07 -15.12 -4.92
N ASN A 394 3.80 -13.81 -4.95
CA ASN A 394 2.97 -13.22 -3.91
C ASN A 394 1.59 -13.86 -3.90
N HIS A 395 0.94 -13.82 -2.74
CA HIS A 395 -0.40 -14.37 -2.53
C HIS A 395 -0.45 -15.89 -2.74
N THR A 396 0.69 -16.56 -2.62
CA THR A 396 0.75 -18.01 -2.63
C THR A 396 1.31 -18.50 -1.30
N GLU A 397 1.00 -19.77 -1.00
CA GLU A 397 1.43 -20.36 0.27
C GLU A 397 2.94 -20.32 0.41
N GLN A 398 3.68 -20.56 -0.67
CA GLN A 398 5.13 -20.60 -0.61
C GLN A 398 5.74 -19.23 -0.38
N TYR A 399 4.99 -18.15 -0.62
CA TYR A 399 5.50 -16.83 -0.28
C TYR A 399 5.39 -16.56 1.22
N THR A 400 4.38 -17.13 1.88
CA THR A 400 4.30 -17.04 3.34
C THR A 400 5.55 -17.66 3.97
N GLU A 401 6.04 -18.76 3.40
CA GLU A 401 7.27 -19.37 3.88
C GLU A 401 8.44 -18.40 3.76
N ALA A 402 8.56 -17.75 2.60
CA ALA A 402 9.67 -16.82 2.38
C ALA A 402 9.55 -15.59 3.27
N ALA A 403 8.32 -15.09 3.46
CA ALA A 403 8.13 -13.86 4.21
C ALA A 403 8.62 -14.00 5.65
N GLY A 404 8.46 -15.17 6.25
CA GLY A 404 8.89 -15.40 7.61
C GLY A 404 10.23 -16.07 7.76
N SER A 405 10.94 -16.31 6.65
CA SER A 405 12.21 -17.01 6.71
C SER A 405 13.31 -16.12 7.29
N GLN A 406 14.40 -16.77 7.67
CA GLN A 406 15.59 -16.02 8.08
C GLN A 406 16.28 -15.38 6.90
N GLU A 407 16.17 -15.99 5.72
CA GLU A 407 16.81 -15.46 4.51
C GLU A 407 16.26 -14.09 4.13
N ALA A 408 14.97 -13.85 4.40
CA ALA A 408 14.34 -12.60 4.00
C ALA A 408 14.75 -11.40 4.85
N GLN A 409 15.35 -11.64 6.01
CA GLN A 409 15.69 -10.52 6.90
C GLN A 409 16.79 -9.65 6.33
N PHE A 410 17.75 -10.25 5.62
CA PHE A 410 18.83 -9.47 5.04
C PHE A 410 18.30 -8.52 3.97
N TYR A 411 17.45 -9.02 3.08
CA TYR A 411 16.90 -8.19 2.01
C TYR A 411 15.97 -7.12 2.57
N THR A 412 15.23 -7.42 3.64
CA THR A 412 14.34 -6.44 4.23
C THR A 412 15.13 -5.30 4.86
N LEU A 413 16.14 -5.62 5.67
CA LEU A 413 16.91 -4.59 6.34
C LEU A 413 17.77 -3.81 5.35
N ARG A 414 18.16 -4.43 4.24
CA ARG A 414 18.93 -3.72 3.22
C ARG A 414 18.08 -2.67 2.52
N THR A 415 16.84 -3.03 2.16
CA THR A 415 15.94 -2.06 1.54
C THR A 415 15.55 -0.97 2.51
N ALA A 416 15.42 -1.30 3.80
CA ALA A 416 15.17 -0.27 4.80
C ALA A 416 16.30 0.75 4.85
N LYS A 417 17.54 0.27 4.70
CA LYS A 417 18.68 1.18 4.63
C LYS A 417 18.56 2.14 3.45
N ALA A 418 18.11 1.63 2.31
CA ALA A 418 17.96 2.48 1.13
C ALA A 418 16.88 3.53 1.35
N LEU A 419 15.79 3.18 2.03
CA LEU A 419 14.75 4.16 2.33
C LEU A 419 15.28 5.26 3.25
N ALA A 420 16.03 4.87 4.28
CA ALA A 420 16.54 5.84 5.25
C ALA A 420 17.51 6.82 4.59
N MET A 421 18.41 6.31 3.76
CA MET A 421 19.35 7.19 3.07
C MET A 421 18.63 8.13 2.11
N THR A 422 17.58 7.64 1.44
CA THR A 422 16.81 8.50 0.56
C THR A 422 16.10 9.60 1.36
N ALA A 423 15.63 9.27 2.56
CA ALA A 423 15.04 10.29 3.42
C ALA A 423 16.07 11.34 3.82
N LEU A 424 17.31 10.90 4.07
CA LEU A 424 18.38 11.85 4.38
C LEU A 424 18.68 12.75 3.20
N ASP A 425 18.56 12.21 1.98
CA ASP A 425 18.77 13.01 0.77
C ASP A 425 17.79 14.18 0.71
N VAL A 426 16.52 13.91 1.00
CA VAL A 426 15.51 14.96 0.96
C VAL A 426 15.77 16.01 2.03
N ILE A 427 16.29 15.59 3.19
CA ILE A 427 16.51 16.52 4.29
C ILE A 427 17.61 17.52 3.94
N PHE A 428 18.66 17.08 3.25
CA PHE A 428 19.86 17.88 3.07
C PHE A 428 20.08 18.36 1.65
N LYS A 429 19.14 18.11 0.73
CA LYS A 429 19.22 18.61 -0.64
C LYS A 429 17.95 19.39 -0.95
N PRO A 430 17.95 20.71 -0.75
CA PRO A 430 16.75 21.50 -1.10
C PRO A 430 16.41 21.43 -2.58
N GLU A 431 17.41 21.28 -3.44
CA GLU A 431 17.14 21.16 -4.88
C GLU A 431 16.44 19.84 -5.21
N LEU A 432 16.63 18.82 -4.37
CA LEU A 432 15.89 17.57 -4.57
C LEU A 432 14.45 17.71 -4.11
N LEU A 433 14.22 18.40 -2.99
CA LEU A 433 12.87 18.58 -2.49
C LEU A 433 12.02 19.39 -3.47
N GLU A 434 12.59 20.45 -4.04
CA GLU A 434 11.85 21.22 -5.04
C GLU A 434 11.58 20.38 -6.29
N GLY A 435 12.57 19.60 -6.72
CA GLY A 435 12.37 18.72 -7.86
C GLY A 435 11.33 17.65 -7.60
N ILE A 436 11.25 17.17 -6.35
CA ILE A 436 10.19 16.23 -5.98
C ILE A 436 8.82 16.90 -6.10
N ARG A 437 8.73 18.18 -5.73
CA ARG A 437 7.45 18.86 -5.75
C ARG A 437 7.05 19.22 -7.18
N GLU A 438 8.02 19.58 -8.02
CA GLU A 438 7.71 19.88 -9.42
C GLU A 438 7.22 18.63 -10.14
N ASP A 439 7.89 17.50 -9.91
CA ASP A 439 7.44 16.24 -10.50
C ASP A 439 6.07 15.84 -9.99
N PHE A 440 5.78 16.15 -8.72
CA PHE A 440 4.48 15.83 -8.15
C PHE A 440 3.39 16.69 -8.78
N LYS A 441 3.66 17.98 -8.98
CA LYS A 441 2.65 18.87 -9.55
C LYS A 441 2.38 18.52 -11.01
N LEU A 442 3.43 18.23 -11.78
CA LEU A 442 3.27 17.92 -13.20
C LEU A 442 2.49 16.62 -13.38
N LYS A 443 2.86 15.58 -12.63
CA LYS A 443 2.14 14.31 -12.73
C LYS A 443 0.69 14.45 -12.29
N LEU A 444 0.41 15.36 -11.36
CA LEU A 444 -0.96 15.54 -10.88
C LEU A 444 -1.85 16.18 -11.94
N GLN A 445 -1.28 17.03 -12.80
CA GLN A 445 -2.08 17.69 -13.81
C GLN A 445 -2.52 16.72 -14.90
N GLU A 446 -1.63 15.81 -15.30
CA GLU A 446 -1.98 14.85 -16.34
C GLU A 446 -3.11 13.93 -15.89
N GLU A 447 -3.04 13.46 -14.64
CA GLU A 447 -4.05 12.55 -14.10
C GLU A 447 -5.35 13.26 -13.72
N GLN A 448 -5.47 14.55 -14.01
CA GLN A 448 -6.67 15.31 -13.72
C GLN A 448 -7.49 15.54 -14.98
#